data_5FHM
#
_entry.id   5FHM
#
_cell.length_a   62.510
_cell.length_b   94.056
_cell.length_c   96.112
_cell.angle_alpha   90.000
_cell.angle_beta   90.000
_cell.angle_gamma   90.000
#
_symmetry.space_group_name_H-M   'P 21 21 21'
#
loop_
_entity.id
_entity.type
_entity.pdbx_description
1 polymer 'Glutamate receptor 2,Glutamate receptor 2'
2 non-polymer 'SULFATE ION'
3 non-polymer '(2~{S})-3-[5-[2-[[3-(aminomethyl)phenyl]methyl]-1,2,3,4-tetrazol-5-yl]-3-oxidanyl-1,2-oxazol-4-yl]-2-azanyl-propanoic acid'
4 non-polymer GLYCEROL
5 non-polymer 'ACETATE ION'
6 non-polymer 1,2-ETHANEDIOL
7 non-polymer 'LITHIUM ION'
8 water water
#
_entity_poly.entity_id   1
_entity_poly.type   'polypeptide(L)'
_entity_poly.pdbx_seq_one_letter_code
;GANKTVVVTTILESPYVMMKKNHEMLEGNERYEGYCVDLAAEIAKHCGFKYKLTIVGDGKYGARDADTKIWNGMVGELVY
GKADIAIAPLTITLVREEVIDFSKPFMSLGISIMIKKGTPIESAEDLSKQTEIAYGTLDSGSTKEFFRRSKIAVFDKMWT
YMRSAEPSVFVRTTAEGVARVRKSKGKYAYLLESTMNEYIEQRKPCDTMKVGGNLDSKGYGIATPKGSSLGNAVNLAVLK
LNEQGLLDKLKNKWWYDKGECGSG
;
_entity_poly.pdbx_strand_id   A,B
#
loop_
_chem_comp.id
_chem_comp.type
_chem_comp.name
_chem_comp.formula
5XP non-polymer '(2~{S})-3-[5-[2-[[3-(aminomethyl)phenyl]methyl]-1,2,3,4-tetrazol-5-yl]-3-oxidanyl-1,2-oxazol-4-yl]-2-azanyl-propanoic acid' 'C15 H17 N7 O4'
ACT non-polymer 'ACETATE ION' 'C2 H3 O2 -1'
EDO non-polymer 1,2-ETHANEDIOL 'C2 H6 O2'
GOL non-polymer GLYCEROL 'C3 H8 O3'
LI non-polymer 'LITHIUM ION' 'Li 1'
SO4 non-polymer 'SULFATE ION' 'O4 S -2'
#
# COMPACT_ATOMS: atom_id res chain seq x y z
N LYS A 4 -3.08 -22.45 -23.66
CA LYS A 4 -2.84 -23.34 -22.52
C LYS A 4 -3.41 -22.78 -21.22
N THR A 5 -3.96 -23.69 -20.42
CA THR A 5 -4.49 -23.34 -19.12
C THR A 5 -3.37 -22.85 -18.21
N VAL A 6 -3.59 -21.69 -17.60
CA VAL A 6 -2.63 -21.05 -16.72
C VAL A 6 -2.64 -21.77 -15.38
N VAL A 7 -1.47 -22.22 -14.93
CA VAL A 7 -1.35 -22.89 -13.62
C VAL A 7 -1.13 -21.84 -12.55
N VAL A 8 -2.09 -21.73 -11.65
CA VAL A 8 -2.05 -20.81 -10.51
C VAL A 8 -1.57 -21.58 -9.29
N THR A 9 -0.55 -21.06 -8.61
CA THR A 9 -0.19 -21.60 -7.32
C THR A 9 -0.74 -20.67 -6.23
N THR A 10 -1.28 -21.28 -5.19
CA THR A 10 -1.81 -20.54 -4.04
C THR A 10 -1.65 -21.42 -2.81
N ILE A 11 -2.10 -20.91 -1.68
CA ILE A 11 -1.90 -21.57 -0.40
C ILE A 11 -3.23 -21.58 0.33
N LEU A 12 -3.51 -22.66 1.06
CA LEU A 12 -4.77 -22.76 1.78
C LEU A 12 -4.65 -21.93 3.05
N GLU A 13 -5.24 -20.75 3.02
CA GLU A 13 -5.21 -19.79 4.12
C GLU A 13 -6.55 -19.07 4.10
N SER A 14 -7.36 -19.29 5.10
CA SER A 14 -8.60 -18.53 5.21
C SER A 14 -8.28 -17.08 5.54
N PRO A 15 -9.03 -16.13 4.96
CA PRO A 15 -10.16 -16.26 4.05
C PRO A 15 -9.76 -16.04 2.58
N TYR A 16 -8.49 -16.28 2.28
CA TYR A 16 -8.00 -16.08 0.91
C TYR A 16 -8.33 -17.27 0.03
N VAL A 17 -8.03 -18.47 0.49
CA VAL A 17 -8.35 -19.70 -0.23
C VAL A 17 -8.73 -20.76 0.79
N MET A 18 -9.90 -21.37 0.61
N MET A 18 -9.92 -21.31 0.68
CA MET A 18 -10.44 -22.38 1.53
CA MET A 18 -10.33 -22.43 1.50
C MET A 18 -11.19 -23.42 0.73
C MET A 18 -11.01 -23.46 0.60
N MET A 19 -11.06 -24.70 1.09
CA MET A 19 -11.90 -25.70 0.49
C MET A 19 -13.32 -25.47 1.01
N LYS A 20 -14.28 -25.42 0.09
CA LYS A 20 -15.67 -25.24 0.50
C LYS A 20 -16.12 -26.38 1.41
N LYS A 21 -17.13 -26.10 2.24
CA LYS A 21 -17.60 -27.12 3.18
C LYS A 21 -18.01 -28.39 2.44
N ASN A 22 -18.59 -28.24 1.26
CA ASN A 22 -19.06 -29.40 0.50
C ASN A 22 -18.15 -29.69 -0.69
N HIS A 23 -16.84 -29.49 -0.52
CA HIS A 23 -15.93 -29.59 -1.66
C HIS A 23 -15.95 -30.96 -2.30
N GLU A 24 -16.26 -32.01 -1.54
CA GLU A 24 -16.31 -33.35 -2.11
C GLU A 24 -17.40 -33.50 -3.16
N MET A 25 -18.37 -32.57 -3.20
CA MET A 25 -19.43 -32.59 -4.20
C MET A 25 -19.09 -31.73 -5.42
N LEU A 26 -17.90 -31.13 -5.44
CA LEU A 26 -17.51 -30.17 -6.46
C LEU A 26 -16.24 -30.65 -7.16
N GLU A 27 -15.84 -29.94 -8.20
CA GLU A 27 -14.62 -30.31 -8.88
C GLU A 27 -13.91 -29.09 -9.44
N GLY A 28 -12.61 -29.26 -9.67
CA GLY A 28 -11.85 -28.18 -10.25
C GLY A 28 -11.79 -26.95 -9.37
N ASN A 29 -11.80 -25.79 -10.02
CA ASN A 29 -11.65 -24.55 -9.27
C ASN A 29 -12.84 -24.30 -8.35
N GLU A 30 -13.99 -24.89 -8.65
CA GLU A 30 -15.17 -24.66 -7.85
C GLU A 30 -15.09 -25.31 -6.48
N ARG A 31 -14.08 -26.15 -6.21
CA ARG A 31 -13.88 -26.70 -4.87
C ARG A 31 -13.51 -25.63 -3.87
N TYR A 32 -13.01 -24.49 -4.34
CA TYR A 32 -12.38 -23.51 -3.48
C TYR A 32 -13.20 -22.23 -3.40
N GLU A 33 -13.04 -21.51 -2.29
CA GLU A 33 -13.65 -20.20 -2.12
C GLU A 33 -12.69 -19.30 -1.37
N GLY A 34 -12.90 -17.99 -1.50
CA GLY A 34 -12.14 -17.03 -0.74
C GLY A 34 -11.77 -15.82 -1.57
N TYR A 35 -11.14 -14.85 -0.90
CA TYR A 35 -10.74 -13.61 -1.55
C TYR A 35 -9.90 -13.86 -2.79
N CYS A 36 -8.87 -14.70 -2.67
CA CYS A 36 -7.98 -14.96 -3.81
C CYS A 36 -8.62 -15.81 -4.88
N VAL A 37 -9.60 -16.65 -4.52
CA VAL A 37 -10.38 -17.37 -5.52
C VAL A 37 -11.20 -16.39 -6.35
N ASP A 38 -11.86 -15.44 -5.69
CA ASP A 38 -12.60 -14.40 -6.38
C ASP A 38 -11.66 -13.55 -7.22
N LEU A 39 -10.50 -13.19 -6.65
CA LEU A 39 -9.58 -12.33 -7.38
C LEU A 39 -9.03 -13.03 -8.62
N ALA A 40 -8.67 -14.32 -8.49
CA ALA A 40 -8.21 -15.08 -9.66
C ALA A 40 -9.25 -15.08 -10.76
N ALA A 41 -10.52 -15.28 -10.40
CA ALA A 41 -11.57 -15.28 -11.40
C ALA A 41 -11.65 -13.93 -12.11
N GLU A 42 -11.53 -12.85 -11.36
CA GLU A 42 -11.62 -11.52 -11.95
C GLU A 42 -10.40 -11.22 -12.83
N ILE A 43 -9.20 -11.59 -12.38
CA ILE A 43 -8.00 -11.37 -13.18
CA ILE A 43 -8.01 -11.36 -13.19
C ILE A 43 -8.10 -12.14 -14.50
N ALA A 44 -8.47 -13.43 -14.40
CA ALA A 44 -8.57 -14.26 -15.59
C ALA A 44 -9.58 -13.73 -16.59
N LYS A 45 -10.73 -13.24 -16.09
CA LYS A 45 -11.73 -12.66 -16.97
C LYS A 45 -11.19 -11.44 -17.70
N HIS A 46 -10.48 -10.57 -16.98
CA HIS A 46 -9.96 -9.36 -17.59
C HIS A 46 -8.80 -9.63 -18.55
N CYS A 47 -7.99 -10.63 -18.27
CA CYS A 47 -6.85 -10.97 -19.13
C CYS A 47 -7.19 -12.01 -20.19
N GLY A 48 -8.36 -12.63 -20.11
CA GLY A 48 -8.80 -13.62 -21.09
C GLY A 48 -8.00 -14.92 -21.08
N PHE A 49 -7.81 -15.53 -19.92
CA PHE A 49 -7.20 -16.86 -19.89
C PHE A 49 -8.02 -17.80 -19.01
N LYS A 50 -7.87 -19.09 -19.32
CA LYS A 50 -8.38 -20.16 -18.47
C LYS A 50 -7.28 -20.55 -17.50
N TYR A 51 -7.68 -21.08 -16.33
CA TYR A 51 -6.70 -21.30 -15.27
C TYR A 51 -7.12 -22.48 -14.40
N LYS A 52 -6.13 -23.03 -13.71
CA LYS A 52 -6.30 -24.11 -12.75
C LYS A 52 -5.68 -23.69 -11.44
N LEU A 53 -6.48 -23.69 -10.38
CA LEU A 53 -5.97 -23.44 -9.04
C LEU A 53 -5.29 -24.69 -8.50
N THR A 54 -4.04 -24.53 -8.09
CA THR A 54 -3.24 -25.59 -7.47
C THR A 54 -2.70 -25.06 -6.15
N ILE A 55 -2.46 -25.99 -5.22
CA ILE A 55 -2.01 -25.65 -3.89
C ILE A 55 -0.52 -25.94 -3.79
N VAL A 56 0.24 -24.93 -3.34
CA VAL A 56 1.70 -25.03 -3.29
C VAL A 56 2.14 -26.30 -2.58
N GLY A 57 3.03 -27.03 -3.25
CA GLY A 57 3.34 -28.39 -2.82
C GLY A 57 3.95 -28.46 -1.44
N ASP A 58 4.85 -27.52 -1.10
CA ASP A 58 5.54 -27.58 0.18
C ASP A 58 4.91 -26.72 1.27
N GLY A 59 3.79 -26.06 0.99
CA GLY A 59 3.06 -25.34 2.02
C GLY A 59 3.72 -24.09 2.52
N LYS A 60 4.69 -23.55 1.77
CA LYS A 60 5.44 -22.37 2.19
C LYS A 60 5.17 -21.18 1.28
N TYR A 61 5.46 -20.00 1.83
CA TYR A 61 5.35 -18.77 1.07
C TYR A 61 6.56 -18.60 0.15
N GLY A 62 7.76 -18.56 0.73
CA GLY A 62 8.94 -18.64 -0.08
C GLY A 62 10.13 -17.89 0.47
N ALA A 63 11.25 -18.60 0.55
CA ALA A 63 12.51 -18.03 0.99
C ALA A 63 13.63 -18.80 0.31
N ARG A 64 14.82 -18.22 0.35
CA ARG A 64 15.98 -18.81 -0.27
C ARG A 64 16.88 -19.41 0.80
N ASP A 65 17.20 -20.70 0.66
CA ASP A 65 18.15 -21.34 1.56
C ASP A 65 19.52 -20.68 1.44
N ALA A 66 20.12 -20.35 2.59
CA ALA A 66 21.37 -19.58 2.57
C ALA A 66 22.55 -20.41 2.07
N ASP A 67 22.48 -21.73 2.22
CA ASP A 67 23.54 -22.61 1.75
C ASP A 67 23.34 -23.05 0.30
N THR A 68 22.17 -23.63 -0.01
CA THR A 68 21.93 -24.11 -1.38
C THR A 68 21.49 -23.00 -2.34
N LYS A 69 21.00 -21.87 -1.82
CA LYS A 69 20.45 -20.78 -2.62
C LYS A 69 19.20 -21.20 -3.39
N ILE A 70 18.53 -22.26 -2.97
CA ILE A 70 17.32 -22.74 -3.62
C ILE A 70 16.11 -22.08 -2.96
N TRP A 71 15.18 -21.61 -3.80
CA TRP A 71 13.94 -21.02 -3.34
C TRP A 71 12.88 -22.08 -3.11
N ASN A 72 12.13 -21.94 -2.03
CA ASN A 72 11.00 -22.83 -1.76
C ASN A 72 9.68 -22.06 -1.87
N GLY A 73 8.60 -22.73 -1.49
CA GLY A 73 7.29 -22.12 -1.46
C GLY A 73 6.76 -21.74 -2.82
N MET A 74 5.82 -20.80 -2.79
CA MET A 74 5.22 -20.31 -4.03
C MET A 74 6.25 -19.60 -4.88
N VAL A 75 7.20 -18.90 -4.24
CA VAL A 75 8.26 -18.25 -4.99
C VAL A 75 9.03 -19.27 -5.80
N GLY A 76 9.42 -20.37 -5.15
CA GLY A 76 10.15 -21.42 -5.84
C GLY A 76 9.34 -22.03 -6.96
N GLU A 77 8.03 -22.20 -6.77
CA GLU A 77 7.23 -22.77 -7.85
C GLU A 77 7.28 -21.88 -9.09
N LEU A 78 7.33 -20.56 -8.90
CA LEU A 78 7.47 -19.64 -10.04
C LEU A 78 8.88 -19.70 -10.61
N VAL A 79 9.89 -19.60 -9.74
CA VAL A 79 11.29 -19.56 -10.20
C VAL A 79 11.63 -20.79 -11.02
N TYR A 80 11.16 -21.97 -10.61
CA TYR A 80 11.63 -23.22 -11.22
C TYR A 80 10.67 -23.79 -12.27
N GLY A 81 9.59 -23.08 -12.60
CA GLY A 81 8.76 -23.47 -13.72
C GLY A 81 7.59 -24.36 -13.39
N LYS A 82 7.20 -24.46 -12.13
CA LYS A 82 6.09 -25.32 -11.72
C LYS A 82 4.74 -24.62 -11.79
N ALA A 83 4.72 -23.30 -11.82
CA ALA A 83 3.47 -22.55 -11.91
C ALA A 83 3.70 -21.33 -12.76
N ASP A 84 2.60 -20.81 -13.32
CA ASP A 84 2.62 -19.62 -14.17
C ASP A 84 2.36 -18.34 -13.41
N ILE A 85 1.68 -18.41 -12.27
CA ILE A 85 1.26 -17.22 -11.54
C ILE A 85 0.96 -17.66 -10.13
N ALA A 86 1.24 -16.78 -9.16
CA ALA A 86 0.86 -17.00 -7.78
C ALA A 86 -0.16 -15.95 -7.39
N ILE A 87 -1.30 -16.41 -6.87
CA ILE A 87 -2.40 -15.53 -6.46
C ILE A 87 -2.70 -15.91 -5.02
N ALA A 88 -2.16 -15.14 -4.09
CA ALA A 88 -2.04 -15.54 -2.71
C ALA A 88 -1.71 -14.34 -1.86
N PRO A 89 -1.77 -14.45 -0.56
CA PRO A 89 -1.24 -13.38 0.32
C PRO A 89 0.28 -13.45 0.40
N LEU A 90 0.92 -13.14 -0.73
CA LEU A 90 2.35 -13.25 -0.93
C LEU A 90 2.93 -11.84 -0.89
N THR A 91 3.75 -11.58 0.11
CA THR A 91 4.26 -10.25 0.39
C THR A 91 5.35 -9.85 -0.60
N ILE A 92 5.21 -8.65 -1.15
CA ILE A 92 6.21 -8.05 -2.02
C ILE A 92 7.39 -7.66 -1.15
N THR A 93 8.57 -8.23 -1.45
CA THR A 93 9.79 -7.91 -0.73
C THR A 93 10.92 -7.76 -1.73
N LEU A 94 11.97 -7.05 -1.29
CA LEU A 94 13.14 -6.81 -2.14
C LEU A 94 13.74 -8.12 -2.65
N VAL A 95 14.01 -9.08 -1.74
CA VAL A 95 14.71 -10.28 -2.19
C VAL A 95 13.84 -11.10 -3.13
N ARG A 96 12.52 -11.10 -2.94
CA ARG A 96 11.64 -11.79 -3.88
C ARG A 96 11.58 -11.05 -5.23
N GLU A 97 11.51 -9.71 -5.18
CA GLU A 97 11.42 -8.93 -6.41
C GLU A 97 12.61 -9.18 -7.32
N GLU A 98 13.77 -9.50 -6.75
CA GLU A 98 14.95 -9.78 -7.57
C GLU A 98 14.78 -11.04 -8.42
N VAL A 99 13.92 -11.98 -8.03
CA VAL A 99 13.83 -13.26 -8.73
C VAL A 99 12.49 -13.53 -9.39
N ILE A 100 11.41 -12.81 -9.06
CA ILE A 100 10.10 -12.98 -9.68
C ILE A 100 9.54 -11.58 -9.93
N ASP A 101 8.53 -11.52 -10.79
CA ASP A 101 7.81 -10.28 -11.05
C ASP A 101 6.58 -10.19 -10.16
N PHE A 102 6.25 -8.95 -9.77
CA PHE A 102 5.09 -8.67 -8.93
C PHE A 102 4.22 -7.58 -9.57
N SER A 103 2.91 -7.77 -9.52
CA SER A 103 2.00 -6.67 -9.74
C SER A 103 2.18 -5.62 -8.66
N LYS A 104 1.62 -4.44 -8.91
CA LYS A 104 1.43 -3.52 -7.82
C LYS A 104 0.52 -4.17 -6.79
N PRO A 105 0.59 -3.72 -5.54
CA PRO A 105 -0.09 -4.45 -4.48
C PRO A 105 -1.60 -4.40 -4.62
N PHE A 106 -2.25 -5.53 -4.27
CA PHE A 106 -3.71 -5.57 -4.24
C PHE A 106 -4.28 -5.45 -2.84
N MET A 107 -3.47 -5.59 -1.79
CA MET A 107 -3.91 -5.43 -0.42
C MET A 107 -2.70 -5.03 0.41
N SER A 108 -2.93 -4.15 1.40
CA SER A 108 -1.89 -3.69 2.31
C SER A 108 -1.87 -4.51 3.59
N LEU A 109 -0.70 -4.53 4.22
CA LEU A 109 -0.54 -5.20 5.50
C LEU A 109 0.72 -4.66 6.18
N GLY A 110 0.87 -5.00 7.46
CA GLY A 110 2.14 -4.81 8.14
C GLY A 110 2.34 -5.90 9.17
N ILE A 111 3.59 -6.07 9.58
CA ILE A 111 3.91 -7.01 10.64
C ILE A 111 3.26 -6.53 11.92
N SER A 112 2.72 -7.46 12.70
N SER A 112 2.77 -7.49 12.72
CA SER A 112 2.01 -7.13 13.91
CA SER A 112 1.91 -7.22 13.86
C SER A 112 2.32 -8.21 14.95
C SER A 112 2.11 -8.32 14.90
N ILE A 113 1.76 -8.02 16.15
CA ILE A 113 1.99 -8.90 17.30
C ILE A 113 0.66 -9.50 17.73
N MET A 114 0.61 -10.82 17.80
CA MET A 114 -0.53 -11.56 18.33
C MET A 114 -0.18 -12.10 19.71
N ILE A 115 -1.05 -11.84 20.69
CA ILE A 115 -0.91 -12.35 22.04
C ILE A 115 -2.18 -13.07 22.44
N LYS A 116 -2.03 -13.98 23.42
CA LYS A 116 -3.17 -14.51 24.14
C LYS A 116 -3.67 -13.43 25.06
N LYS A 117 -5.00 -13.30 25.16
CA LYS A 117 -5.56 -12.24 26.01
C LYS A 117 -4.92 -12.25 27.39
N GLY A 118 -4.50 -11.06 27.86
CA GLY A 118 -3.93 -10.90 29.18
C GLY A 118 -2.42 -10.87 29.21
N THR A 119 -1.77 -11.18 28.11
CA THR A 119 -0.33 -11.16 28.06
C THR A 119 0.16 -9.73 28.25
N PRO A 120 1.13 -9.46 29.18
CA PRO A 120 1.52 -8.07 29.45
C PRO A 120 2.53 -7.51 28.45
N ILE A 121 2.11 -7.39 27.21
CA ILE A 121 2.90 -6.88 26.10
C ILE A 121 2.03 -5.92 25.31
N GLU A 122 2.56 -4.73 25.04
CA GLU A 122 1.82 -3.73 24.29
C GLU A 122 2.52 -3.27 23.01
N SER A 123 3.76 -3.70 22.76
CA SER A 123 4.54 -3.16 21.67
C SER A 123 5.73 -4.08 21.37
N ALA A 124 6.34 -3.88 20.21
CA ALA A 124 7.56 -4.60 19.88
C ALA A 124 8.67 -4.25 20.84
N GLU A 125 8.77 -2.98 21.25
CA GLU A 125 9.78 -2.58 22.21
C GLU A 125 9.59 -3.35 23.52
N ASP A 126 8.34 -3.53 23.96
CA ASP A 126 8.06 -4.34 25.15
C ASP A 126 8.64 -5.74 24.99
N LEU A 127 8.35 -6.40 23.86
CA LEU A 127 8.88 -7.74 23.64
C LEU A 127 10.39 -7.75 23.71
N SER A 128 11.02 -6.77 23.04
CA SER A 128 12.47 -6.79 22.87
C SER A 128 13.21 -6.68 24.19
N LYS A 129 12.58 -6.12 25.22
CA LYS A 129 13.23 -5.84 26.49
C LYS A 129 13.10 -6.98 27.49
N GLN A 130 12.55 -8.12 27.09
CA GLN A 130 12.29 -9.21 28.02
C GLN A 130 12.43 -10.56 27.33
N THR A 131 12.39 -11.63 28.13
CA THR A 131 12.49 -13.00 27.61
C THR A 131 11.50 -13.97 28.22
N GLU A 132 10.77 -13.60 29.27
CA GLU A 132 9.81 -14.51 29.89
C GLU A 132 8.72 -14.91 28.93
N ILE A 133 8.24 -13.95 28.14
CA ILE A 133 7.30 -14.20 27.05
C ILE A 133 8.12 -14.40 25.79
N ALA A 134 8.17 -15.64 25.32
CA ALA A 134 8.92 -15.94 24.12
C ALA A 134 8.16 -15.41 22.91
N TYR A 135 8.88 -15.19 21.81
CA TYR A 135 8.22 -14.65 20.64
C TYR A 135 8.99 -15.06 19.40
N GLY A 136 8.27 -15.27 18.31
CA GLY A 136 8.88 -15.72 17.10
C GLY A 136 7.96 -15.57 15.92
N THR A 137 8.29 -16.25 14.84
CA THR A 137 7.59 -16.03 13.59
C THR A 137 7.69 -17.28 12.71
N LEU A 138 7.13 -17.17 11.52
CA LEU A 138 7.03 -18.23 10.53
C LEU A 138 8.32 -18.47 9.75
N ASP A 139 8.73 -19.73 9.67
CA ASP A 139 9.77 -20.16 8.74
C ASP A 139 9.41 -19.88 7.29
N SER A 140 10.40 -19.44 6.52
CA SER A 140 10.33 -19.32 5.07
C SER A 140 9.32 -18.27 4.64
N GLY A 141 9.07 -17.29 5.51
CA GLY A 141 8.19 -16.19 5.20
C GLY A 141 8.90 -14.85 5.21
N SER A 142 8.14 -13.82 4.87
CA SER A 142 8.71 -12.49 4.75
C SER A 142 8.95 -11.83 6.11
N THR A 143 8.20 -12.21 7.14
CA THR A 143 8.44 -11.62 8.45
C THR A 143 9.80 -12.04 9.02
N LYS A 144 10.12 -13.33 8.93
CA LYS A 144 11.44 -13.79 9.39
C LYS A 144 12.56 -13.11 8.62
N GLU A 145 12.42 -12.99 7.30
CA GLU A 145 13.43 -12.31 6.51
C GLU A 145 13.57 -10.84 6.90
N PHE A 146 12.44 -10.17 7.18
CA PHE A 146 12.49 -8.79 7.65
C PHE A 146 13.36 -8.68 8.90
N PHE A 147 13.09 -9.51 9.89
CA PHE A 147 13.87 -9.42 11.13
C PHE A 147 15.34 -9.78 10.90
N ARG A 148 15.61 -10.85 10.15
CA ARG A 148 16.99 -11.27 9.89
C ARG A 148 17.81 -10.17 9.24
N ARG A 149 17.19 -9.37 8.38
CA ARG A 149 17.92 -8.36 7.64
C ARG A 149 17.90 -7.00 8.31
N SER A 150 17.10 -6.82 9.35
CA SER A 150 16.83 -5.48 9.84
C SER A 150 18.00 -4.92 10.64
N LYS A 151 18.31 -3.65 10.37
CA LYS A 151 19.26 -2.91 11.18
C LYS A 151 18.58 -1.87 12.07
N ILE A 152 17.25 -1.83 12.07
CA ILE A 152 16.51 -1.02 13.04
C ILE A 152 16.75 -1.59 14.42
N ALA A 153 17.16 -0.74 15.38
CA ALA A 153 17.68 -1.25 16.66
C ALA A 153 16.74 -2.25 17.34
N VAL A 154 15.46 -1.90 17.51
CA VAL A 154 14.58 -2.80 18.24
C VAL A 154 14.44 -4.12 17.50
N PHE A 155 14.33 -4.08 16.16
CA PHE A 155 14.10 -5.30 15.40
C PHE A 155 15.37 -6.13 15.30
N ASP A 156 16.52 -5.49 15.22
CA ASP A 156 17.79 -6.22 15.26
C ASP A 156 17.95 -6.95 16.59
N LYS A 157 17.57 -6.31 17.68
CA LYS A 157 17.64 -6.97 18.98
C LYS A 157 16.66 -8.14 19.04
N MET A 158 15.47 -7.95 18.48
CA MET A 158 14.49 -9.04 18.46
C MET A 158 15.02 -10.22 17.65
N TRP A 159 15.71 -9.96 16.53
CA TRP A 159 16.26 -11.06 15.74
C TRP A 159 17.35 -11.80 16.52
N THR A 160 18.24 -11.07 17.17
CA THR A 160 19.28 -11.71 17.97
C THR A 160 18.66 -12.58 19.05
N TYR A 161 17.58 -12.09 19.66
CA TYR A 161 16.85 -12.90 20.63
C TYR A 161 16.27 -14.15 19.97
N MET A 162 15.59 -13.98 18.83
CA MET A 162 14.91 -15.13 18.23
C MET A 162 15.91 -16.20 17.81
N ARG A 163 17.05 -15.81 17.24
CA ARG A 163 18.06 -16.78 16.83
C ARG A 163 18.55 -17.60 18.01
N SER A 164 18.67 -16.99 19.19
CA SER A 164 19.31 -17.63 20.33
C SER A 164 18.32 -18.17 21.34
N ALA A 165 17.01 -17.99 21.13
CA ALA A 165 16.02 -18.45 22.11
C ALA A 165 15.87 -19.97 22.06
N GLU A 166 15.66 -20.55 23.24
CA GLU A 166 15.43 -21.98 23.39
C GLU A 166 14.20 -22.22 24.27
N PRO A 167 13.33 -23.16 23.88
CA PRO A 167 13.33 -23.90 22.61
C PRO A 167 13.03 -22.97 21.43
N SER A 168 13.13 -23.51 20.22
CA SER A 168 12.93 -22.71 19.02
C SER A 168 11.63 -21.93 19.09
N VAL A 169 11.72 -20.64 18.75
CA VAL A 169 10.54 -19.79 18.69
C VAL A 169 9.90 -19.77 17.31
N PHE A 170 10.44 -20.51 16.34
CA PHE A 170 9.92 -20.44 14.99
C PHE A 170 8.86 -21.50 14.80
N VAL A 171 7.93 -21.23 13.88
CA VAL A 171 6.86 -22.16 13.55
C VAL A 171 6.88 -22.44 12.05
N ARG A 172 6.31 -23.59 11.68
CA ARG A 172 6.36 -24.04 10.30
CA ARG A 172 6.32 -24.10 10.32
C ARG A 172 5.17 -23.58 9.47
N THR A 173 4.06 -23.23 10.11
CA THR A 173 2.88 -22.75 9.41
C THR A 173 2.25 -21.67 10.26
N THR A 174 1.43 -20.84 9.61
CA THR A 174 0.74 -19.78 10.34
C THR A 174 -0.23 -20.40 11.36
N ALA A 175 -0.87 -21.51 11.02
CA ALA A 175 -1.75 -22.18 11.98
C ALA A 175 -0.98 -22.61 13.22
N GLU A 176 0.26 -23.08 13.04
CA GLU A 176 1.04 -23.50 14.19
C GLU A 176 1.36 -22.31 15.09
N GLY A 177 1.58 -21.14 14.51
CA GLY A 177 1.84 -19.95 15.31
C GLY A 177 0.66 -19.59 16.20
N VAL A 178 -0.55 -19.57 15.61
CA VAL A 178 -1.73 -19.23 16.40
C VAL A 178 -1.98 -20.29 17.45
N ALA A 179 -1.82 -21.58 17.08
CA ALA A 179 -2.02 -22.64 18.07
C ALA A 179 -1.04 -22.49 19.23
N ARG A 180 0.18 -22.05 18.92
CA ARG A 180 1.18 -21.93 19.97
C ARG A 180 0.84 -20.78 20.91
N VAL A 181 0.35 -19.67 20.37
CA VAL A 181 -0.15 -18.60 21.22
C VAL A 181 -1.23 -19.14 22.13
N ARG A 182 -2.18 -19.88 21.56
CA ARG A 182 -3.36 -20.28 22.33
C ARG A 182 -3.03 -21.28 23.42
N LYS A 183 -2.00 -22.10 23.23
CA LYS A 183 -1.72 -23.16 24.19
C LYS A 183 -0.63 -22.79 25.19
N SER A 184 0.03 -21.63 25.02
CA SER A 184 1.21 -21.33 25.81
C SER A 184 0.94 -20.46 27.05
N LYS A 185 -0.32 -20.26 27.44
CA LYS A 185 -0.67 -19.67 28.73
C LYS A 185 -0.05 -18.30 28.91
N GLY A 186 0.02 -17.55 27.82
CA GLY A 186 0.53 -16.20 27.83
C GLY A 186 2.02 -16.09 27.59
N LYS A 187 2.72 -17.20 27.38
CA LYS A 187 4.17 -17.17 27.30
C LYS A 187 4.72 -17.25 25.88
N TYR A 188 3.87 -17.11 24.86
CA TYR A 188 4.35 -17.01 23.49
C TYR A 188 3.55 -15.94 22.78
N ALA A 189 4.27 -15.03 22.12
CA ALA A 189 3.70 -14.04 21.23
C ALA A 189 4.17 -14.31 19.81
N TYR A 190 3.27 -14.16 18.84
CA TYR A 190 3.52 -14.53 17.45
C TYR A 190 3.56 -13.27 16.59
N LEU A 191 4.65 -13.11 15.83
CA LEU A 191 4.83 -12.01 14.90
C LEU A 191 4.30 -12.46 13.55
N LEU A 192 3.26 -11.79 13.07
CA LEU A 192 2.53 -12.21 11.88
C LEU A 192 1.95 -10.97 11.22
N GLU A 193 1.43 -11.15 10.02
CA GLU A 193 0.89 -9.99 9.32
C GLU A 193 -0.49 -9.59 9.85
N SER A 194 -0.75 -8.29 9.76
CA SER A 194 -1.95 -7.69 10.36
C SER A 194 -3.23 -8.26 9.79
N THR A 195 -3.22 -8.65 8.52
CA THR A 195 -4.38 -9.24 7.89
C THR A 195 -4.84 -10.48 8.65
N MET A 196 -3.89 -11.35 9.02
CA MET A 196 -4.23 -12.56 9.77
C MET A 196 -4.58 -12.22 11.21
N ASN A 197 -3.81 -11.35 11.83
CA ASN A 197 -4.02 -11.00 13.23
C ASN A 197 -5.44 -10.50 13.43
N GLU A 198 -5.87 -9.58 12.56
CA GLU A 198 -7.20 -9.00 12.68
C GLU A 198 -8.29 -10.02 12.40
N TYR A 199 -8.08 -10.88 11.41
CA TYR A 199 -9.08 -11.89 11.08
C TYR A 199 -9.28 -12.86 12.25
N ILE A 200 -8.18 -13.32 12.85
CA ILE A 200 -8.25 -14.30 13.94
C ILE A 200 -8.85 -13.68 15.19
N GLU A 201 -8.53 -12.40 15.45
CA GLU A 201 -9.05 -11.75 16.66
C GLU A 201 -10.57 -11.74 16.68
N GLN A 202 -11.22 -11.73 15.51
CA GLN A 202 -12.66 -11.57 15.45
C GLN A 202 -13.40 -12.89 15.35
N ARG A 203 -12.72 -14.01 15.57
CA ARG A 203 -13.35 -15.32 15.45
C ARG A 203 -13.14 -16.16 16.70
N LYS A 204 -14.11 -17.04 16.96
CA LYS A 204 -13.99 -17.98 18.07
C LYS A 204 -12.69 -18.75 17.98
N PRO A 205 -12.09 -19.09 19.13
CA PRO A 205 -12.56 -18.92 20.51
C PRO A 205 -12.27 -17.54 21.17
N CYS A 206 -11.97 -16.52 20.37
CA CYS A 206 -11.91 -15.14 20.86
C CYS A 206 -10.90 -14.99 22.00
N ASP A 207 -9.74 -15.62 21.85
CA ASP A 207 -8.78 -15.65 22.94
C ASP A 207 -7.46 -14.99 22.58
N THR A 208 -7.37 -14.38 21.40
CA THR A 208 -6.16 -13.70 20.96
C THR A 208 -6.49 -12.25 20.68
N MET A 209 -5.47 -11.42 20.65
CA MET A 209 -5.68 -10.06 20.20
C MET A 209 -4.39 -9.50 19.60
N LYS A 210 -4.59 -8.49 18.76
CA LYS A 210 -3.51 -7.71 18.20
C LYS A 210 -3.12 -6.61 19.17
N VAL A 211 -1.82 -6.43 19.36
CA VAL A 211 -1.34 -5.34 20.20
C VAL A 211 -0.28 -4.55 19.45
N GLY A 212 -0.25 -3.25 19.74
CA GLY A 212 0.72 -2.37 19.14
C GLY A 212 0.32 -1.95 17.74
N GLY A 213 1.02 -0.94 17.23
CA GLY A 213 0.86 -0.57 15.85
C GLY A 213 1.63 -1.55 14.97
N ASN A 214 1.35 -1.50 13.67
CA ASN A 214 2.12 -2.34 12.77
C ASN A 214 3.57 -1.90 12.78
N LEU A 215 4.46 -2.87 12.60
CA LEU A 215 5.90 -2.62 12.66
C LEU A 215 6.42 -2.10 11.34
N ASP A 216 5.71 -2.37 10.25
CA ASP A 216 6.10 -1.91 8.92
C ASP A 216 4.83 -1.78 8.08
N SER A 217 5.03 -1.44 6.81
CA SER A 217 3.93 -1.19 5.89
C SER A 217 4.33 -1.74 4.53
N LYS A 218 3.59 -2.74 4.05
CA LYS A 218 3.91 -3.34 2.75
C LYS A 218 2.63 -3.85 2.10
N GLY A 219 2.78 -4.69 1.09
CA GLY A 219 1.62 -5.14 0.33
C GLY A 219 1.82 -6.53 -0.24
N TYR A 220 0.69 -7.16 -0.54
CA TYR A 220 0.64 -8.42 -1.28
C TYR A 220 0.55 -8.12 -2.76
N GLY A 221 1.25 -8.91 -3.57
CA GLY A 221 1.21 -8.75 -5.00
C GLY A 221 0.99 -10.08 -5.69
N ILE A 222 0.41 -9.99 -6.90
CA ILE A 222 0.31 -11.16 -7.76
CA ILE A 222 0.31 -11.14 -7.79
C ILE A 222 1.67 -11.37 -8.43
N ALA A 223 2.18 -12.59 -8.37
CA ALA A 223 3.53 -12.86 -8.80
C ALA A 223 3.55 -13.76 -10.03
N THR A 224 4.51 -13.49 -10.91
CA THR A 224 4.75 -14.27 -12.12
C THR A 224 6.24 -14.52 -12.24
N PRO A 225 6.64 -15.53 -13.02
CA PRO A 225 8.06 -15.73 -13.29
C PRO A 225 8.64 -14.49 -13.93
N LYS A 226 9.90 -14.21 -13.60
CA LYS A 226 10.57 -13.03 -14.12
C LYS A 226 10.54 -13.04 -15.64
N GLY A 227 10.04 -11.94 -16.20
CA GLY A 227 9.97 -11.79 -17.63
C GLY A 227 8.74 -12.40 -18.30
N SER A 228 7.85 -13.02 -17.54
CA SER A 228 6.67 -13.62 -18.14
C SER A 228 5.80 -12.57 -18.82
N SER A 229 5.30 -12.91 -20.00
CA SER A 229 4.43 -11.98 -20.73
C SER A 229 3.10 -11.77 -20.02
N LEU A 230 2.74 -12.64 -19.09
CA LEU A 230 1.48 -12.50 -18.38
C LEU A 230 1.50 -11.34 -17.39
N GLY A 231 2.69 -10.91 -16.98
CA GLY A 231 2.80 -9.94 -15.89
C GLY A 231 2.17 -8.61 -16.20
N ASN A 232 2.38 -8.08 -17.41
CA ASN A 232 1.86 -6.76 -17.73
C ASN A 232 0.34 -6.74 -17.64
N ALA A 233 -0.31 -7.74 -18.26
CA ALA A 233 -1.76 -7.73 -18.28
C ALA A 233 -2.33 -7.92 -16.89
N VAL A 234 -1.70 -8.79 -16.09
CA VAL A 234 -2.20 -9.02 -14.75
C VAL A 234 -2.09 -7.76 -13.90
N ASN A 235 -1.01 -7.01 -14.07
CA ASN A 235 -0.84 -5.80 -13.29
C ASN A 235 -1.89 -4.76 -13.68
N LEU A 236 -2.14 -4.62 -14.98
CA LEU A 236 -3.19 -3.68 -15.40
C LEU A 236 -4.55 -4.12 -14.86
N ALA A 237 -4.81 -5.43 -14.81
CA ALA A 237 -6.07 -5.90 -14.24
C ALA A 237 -6.18 -5.56 -12.76
N VAL A 238 -5.09 -5.71 -11.99
CA VAL A 238 -5.10 -5.32 -10.59
C VAL A 238 -5.46 -3.85 -10.44
N LEU A 239 -4.83 -2.97 -11.24
CA LEU A 239 -5.11 -1.55 -11.14
C LEU A 239 -6.55 -1.24 -11.52
N LYS A 240 -7.05 -1.88 -12.57
CA LYS A 240 -8.45 -1.68 -12.96
C LYS A 240 -9.40 -2.13 -11.85
N LEU A 241 -9.19 -3.33 -11.30
CA LEU A 241 -10.03 -3.81 -10.21
C LEU A 241 -9.97 -2.88 -9.01
N ASN A 242 -8.78 -2.36 -8.70
CA ASN A 242 -8.68 -1.38 -7.63
C ASN A 242 -9.56 -0.17 -7.92
N GLU A 243 -9.43 0.41 -9.11
CA GLU A 243 -10.14 1.65 -9.45
C GLU A 243 -11.65 1.44 -9.54
N GLN A 244 -12.09 0.22 -9.80
CA GLN A 244 -13.52 -0.11 -9.79
C GLN A 244 -14.05 -0.35 -8.38
N GLY A 245 -13.19 -0.40 -7.37
CA GLY A 245 -13.62 -0.66 -6.03
C GLY A 245 -13.83 -2.12 -5.74
N LEU A 246 -13.45 -3.00 -6.67
CA LEU A 246 -13.70 -4.42 -6.51
C LEU A 246 -12.81 -5.01 -5.43
N LEU A 247 -11.56 -4.57 -5.34
CA LEU A 247 -10.71 -5.09 -4.27
C LEU A 247 -11.26 -4.71 -2.91
N ASP A 248 -11.78 -3.49 -2.76
CA ASP A 248 -12.38 -3.09 -1.49
C ASP A 248 -13.61 -3.95 -1.18
N LYS A 249 -14.39 -4.24 -2.20
CA LYS A 249 -15.57 -5.06 -2.01
C LYS A 249 -15.18 -6.45 -1.51
N LEU A 250 -14.16 -7.04 -2.13
CA LEU A 250 -13.74 -8.37 -1.72
C LEU A 250 -13.22 -8.37 -0.30
N LYS A 251 -12.47 -7.34 0.07
CA LYS A 251 -11.92 -7.27 1.43
C LYS A 251 -13.04 -7.16 2.45
N ASN A 252 -14.01 -6.29 2.19
CA ASN A 252 -15.07 -6.10 3.15
C ASN A 252 -15.92 -7.36 3.28
N LYS A 253 -16.06 -8.10 2.20
CA LYS A 253 -16.82 -9.35 2.23
C LYS A 253 -16.09 -10.41 3.04
N TRP A 254 -14.81 -10.62 2.76
CA TRP A 254 -14.17 -11.76 3.38
C TRP A 254 -13.66 -11.48 4.79
N TRP A 255 -13.49 -10.20 5.18
CA TRP A 255 -13.14 -9.86 6.56
C TRP A 255 -14.35 -9.36 7.35
N TYR A 256 -15.55 -9.50 6.79
CA TYR A 256 -16.74 -9.05 7.49
C TYR A 256 -16.80 -9.65 8.89
N ASP A 257 -17.09 -8.80 9.86
CA ASP A 257 -17.14 -9.17 11.27
C ASP A 257 -18.57 -9.57 11.61
N LYS A 258 -18.80 -10.90 11.73
CA LYS A 258 -20.10 -11.44 12.11
C LYS A 258 -20.41 -11.24 13.59
N GLY A 259 -19.48 -10.67 14.35
CA GLY A 259 -19.73 -10.36 15.74
C GLY A 259 -19.60 -11.53 16.70
N GLU A 260 -18.87 -12.59 16.34
CA GLU A 260 -18.80 -13.72 17.25
C GLU A 260 -17.89 -13.44 18.44
N CYS A 261 -17.05 -12.42 18.38
CA CYS A 261 -16.27 -11.98 19.53
C CYS A 261 -16.73 -10.62 20.01
N LYS B 4 25.99 10.43 -17.13
CA LYS B 4 25.35 11.72 -17.37
C LYS B 4 24.25 12.01 -16.35
N THR B 5 23.88 13.29 -16.26
CA THR B 5 22.96 13.77 -15.25
C THR B 5 21.52 13.38 -15.59
N VAL B 6 20.87 12.71 -14.65
CA VAL B 6 19.48 12.29 -14.77
C VAL B 6 18.57 13.49 -14.57
N VAL B 7 17.63 13.69 -15.48
CA VAL B 7 16.68 14.79 -15.38
C VAL B 7 15.46 14.29 -14.61
N VAL B 8 15.25 14.84 -13.43
CA VAL B 8 14.11 14.54 -12.57
C VAL B 8 13.07 15.61 -12.79
N THR B 9 11.84 15.20 -13.06
CA THR B 9 10.72 16.13 -13.09
C THR B 9 9.92 15.98 -11.81
N THR B 10 9.52 17.11 -11.24
CA THR B 10 8.75 17.10 -10.01
C THR B 10 7.87 18.35 -10.03
N ILE B 11 7.13 18.55 -8.96
CA ILE B 11 6.17 19.63 -8.88
C ILE B 11 6.28 20.25 -7.49
N LEU B 12 6.08 21.56 -7.42
CA LEU B 12 6.12 22.26 -6.13
C LEU B 12 4.80 22.04 -5.41
N GLU B 13 4.84 21.28 -4.33
CA GLU B 13 3.69 21.06 -3.47
C GLU B 13 4.21 20.68 -2.10
N SER B 14 3.85 21.44 -1.07
CA SER B 14 4.28 21.15 0.29
C SER B 14 3.54 19.92 0.79
N PRO B 15 4.20 19.03 1.53
CA PRO B 15 5.61 19.07 1.97
C PRO B 15 6.53 18.24 1.08
N TYR B 16 6.13 17.95 -0.15
CA TYR B 16 6.91 17.09 -1.02
C TYR B 16 8.11 17.81 -1.62
N VAL B 17 7.88 18.99 -2.20
CA VAL B 17 8.94 19.80 -2.78
C VAL B 17 8.57 21.24 -2.52
N MET B 18 9.49 21.96 -1.88
CA MET B 18 9.34 23.37 -1.52
CA MET B 18 9.33 23.38 -1.61
C MET B 18 10.65 24.08 -1.83
N MET B 19 10.55 25.34 -2.26
CA MET B 19 11.75 26.16 -2.29
C MET B 19 12.09 26.55 -0.86
N LYS B 20 13.35 26.35 -0.47
CA LYS B 20 13.77 26.75 0.87
C LYS B 20 13.59 28.24 1.07
N LYS B 21 13.38 28.64 2.33
CA LYS B 21 13.13 30.05 2.62
C LYS B 21 14.29 30.91 2.17
N ASN B 22 15.51 30.39 2.25
CA ASN B 22 16.68 31.15 1.83
C ASN B 22 17.19 30.70 0.45
N HIS B 23 16.29 30.28 -0.45
CA HIS B 23 16.76 29.63 -1.67
C HIS B 23 17.61 30.57 -2.52
N GLU B 24 17.42 31.89 -2.39
CA GLU B 24 18.17 32.84 -3.21
C GLU B 24 19.66 32.76 -2.97
N MET B 25 20.08 32.27 -1.80
CA MET B 25 21.49 32.11 -1.47
C MET B 25 22.06 30.76 -1.85
N LEU B 26 21.27 29.89 -2.46
CA LEU B 26 21.63 28.51 -2.77
C LEU B 26 21.55 28.25 -4.27
N GLU B 27 22.04 27.09 -4.69
CA GLU B 27 22.13 26.73 -6.10
C GLU B 27 21.65 25.30 -6.35
N GLY B 28 21.11 25.10 -7.55
CA GLY B 28 20.84 23.76 -7.99
C GLY B 28 19.84 23.05 -7.12
N ASN B 29 20.06 21.76 -6.92
CA ASN B 29 19.11 20.98 -6.14
C ASN B 29 19.01 21.46 -4.71
N GLU B 30 20.04 22.13 -4.21
CA GLU B 30 20.05 22.56 -2.82
C GLU B 30 19.06 23.68 -2.55
N ARG B 31 18.45 24.26 -3.59
CA ARG B 31 17.41 25.26 -3.39
C ARG B 31 16.13 24.67 -2.83
N TYR B 32 15.94 23.37 -2.94
CA TYR B 32 14.69 22.70 -2.64
C TYR B 32 14.81 21.84 -1.39
N GLU B 33 13.67 21.64 -0.74
CA GLU B 33 13.60 20.74 0.41
C GLU B 33 12.23 20.08 0.38
N GLY B 34 12.14 18.96 1.09
CA GLY B 34 10.87 18.28 1.28
C GLY B 34 11.01 16.76 1.20
N TYR B 35 9.89 16.08 1.41
CA TYR B 35 9.88 14.62 1.38
C TYR B 35 10.44 14.08 0.06
N CYS B 36 9.96 14.58 -1.07
CA CYS B 36 10.38 14.04 -2.35
C CYS B 36 11.80 14.45 -2.69
N VAL B 37 12.25 15.61 -2.19
CA VAL B 37 13.64 16.00 -2.35
C VAL B 37 14.53 15.01 -1.62
N ASP B 38 14.18 14.68 -0.37
CA ASP B 38 14.94 13.68 0.37
C ASP B 38 14.86 12.32 -0.31
N LEU B 39 13.67 11.95 -0.81
CA LEU B 39 13.53 10.65 -1.47
C LEU B 39 14.39 10.59 -2.72
N ALA B 40 14.40 11.65 -3.51
CA ALA B 40 15.22 11.66 -4.71
C ALA B 40 16.68 11.43 -4.35
N ALA B 41 17.16 12.10 -3.31
CA ALA B 41 18.56 11.94 -2.94
C ALA B 41 18.89 10.51 -2.55
N GLU B 42 17.96 9.85 -1.84
CA GLU B 42 18.17 8.47 -1.43
C GLU B 42 18.11 7.52 -2.61
N ILE B 43 17.19 7.73 -3.53
CA ILE B 43 17.12 6.87 -4.71
CA ILE B 43 17.11 6.89 -4.72
C ILE B 43 18.39 7.03 -5.54
N ALA B 44 18.82 8.28 -5.76
CA ALA B 44 20.02 8.51 -6.56
C ALA B 44 21.24 7.89 -5.91
N LYS B 45 21.34 7.97 -4.58
CA LYS B 45 22.49 7.37 -3.92
C LYS B 45 22.47 5.84 -4.07
N HIS B 46 21.30 5.22 -3.92
CA HIS B 46 21.25 3.77 -4.03
C HIS B 46 21.48 3.31 -5.47
N CYS B 47 21.03 4.10 -6.44
CA CYS B 47 21.19 3.72 -7.84
C CYS B 47 22.48 4.23 -8.46
N GLY B 48 23.21 5.10 -7.77
CA GLY B 48 24.47 5.59 -8.27
C GLY B 48 24.37 6.56 -9.44
N PHE B 49 23.46 7.54 -9.41
CA PHE B 49 23.44 8.54 -10.46
C PHE B 49 23.41 9.94 -9.87
N LYS B 50 23.88 10.90 -10.66
CA LYS B 50 23.67 12.29 -10.30
C LYS B 50 22.49 12.82 -11.10
N TYR B 51 21.86 13.86 -10.56
CA TYR B 51 20.56 14.26 -11.09
C TYR B 51 20.37 15.75 -10.92
N LYS B 52 19.42 16.26 -11.68
CA LYS B 52 19.00 17.65 -11.63
C LYS B 52 17.49 17.67 -11.38
N LEU B 53 17.06 18.32 -10.30
CA LEU B 53 15.64 18.56 -10.03
C LEU B 53 15.13 19.68 -10.92
N THR B 54 14.08 19.39 -11.70
CA THR B 54 13.43 20.37 -12.57
C THR B 54 11.95 20.34 -12.25
N ILE B 55 11.32 21.49 -12.38
CA ILE B 55 9.91 21.65 -12.05
C ILE B 55 9.10 21.59 -13.34
N VAL B 56 8.11 20.71 -13.35
CA VAL B 56 7.31 20.48 -14.55
C VAL B 56 6.73 21.79 -15.07
N GLY B 57 6.87 22.01 -16.37
CA GLY B 57 6.54 23.30 -16.94
C GLY B 57 5.09 23.68 -16.78
N ASP B 58 4.17 22.72 -16.96
CA ASP B 58 2.76 23.07 -17.02
C ASP B 58 2.06 22.90 -15.67
N GLY B 59 2.79 22.51 -14.63
CA GLY B 59 2.22 22.39 -13.31
C GLY B 59 1.20 21.30 -13.16
N LYS B 60 1.25 20.29 -14.01
CA LYS B 60 0.27 19.21 -13.97
C LYS B 60 0.92 17.88 -13.63
N TYR B 61 0.08 16.95 -13.17
CA TYR B 61 0.54 15.63 -12.77
C TYR B 61 0.65 14.70 -13.98
N GLY B 62 -0.44 14.53 -14.70
CA GLY B 62 -0.38 13.75 -15.92
C GLY B 62 -1.71 13.16 -16.31
N ALA B 63 -2.28 13.71 -17.37
CA ALA B 63 -3.53 13.26 -17.94
C ALA B 63 -3.45 13.43 -19.44
N ARG B 64 -4.26 12.64 -20.13
CA ARG B 64 -4.32 12.65 -21.57
C ARG B 64 -5.53 13.46 -22.01
N ASP B 65 -5.28 14.53 -22.75
CA ASP B 65 -6.37 15.33 -23.32
C ASP B 65 -7.25 14.46 -24.20
N ALA B 66 -8.57 14.57 -24.01
CA ALA B 66 -9.48 13.70 -24.75
C ALA B 66 -9.53 14.06 -26.23
N ASP B 67 -9.27 15.31 -26.57
CA ASP B 67 -9.31 15.76 -27.97
C ASP B 67 -7.97 15.56 -28.67
N THR B 68 -6.89 16.15 -28.14
CA THR B 68 -5.60 16.03 -28.80
C THR B 68 -4.89 14.71 -28.52
N LYS B 69 -5.26 14.04 -27.43
CA LYS B 69 -4.65 12.79 -26.98
C LYS B 69 -3.20 12.99 -26.54
N ILE B 70 -2.82 14.23 -26.23
CA ILE B 70 -1.48 14.54 -25.73
C ILE B 70 -1.47 14.44 -24.21
N TRP B 71 -0.44 13.77 -23.67
CA TRP B 71 -0.24 13.68 -22.22
C TRP B 71 0.39 14.98 -21.71
N ASN B 72 -0.20 15.51 -20.64
CA ASN B 72 0.34 16.70 -20.00
C ASN B 72 1.14 16.30 -18.76
N GLY B 73 1.68 17.31 -18.07
CA GLY B 73 2.26 17.11 -16.76
C GLY B 73 3.56 16.30 -16.76
N MET B 74 3.86 15.78 -15.58
CA MET B 74 5.07 14.98 -15.41
C MET B 74 5.00 13.73 -16.27
N VAL B 75 3.82 13.11 -16.36
CA VAL B 75 3.69 11.94 -17.21
C VAL B 75 4.06 12.28 -18.65
N GLY B 76 3.57 13.42 -19.16
CA GLY B 76 3.93 13.81 -20.50
C GLY B 76 5.43 14.02 -20.68
N GLU B 77 6.09 14.60 -19.68
CA GLU B 77 7.55 14.79 -19.79
CA GLU B 77 7.53 14.80 -19.84
C GLU B 77 8.25 13.45 -19.98
N LEU B 78 7.76 12.41 -19.31
CA LEU B 78 8.35 11.08 -19.49
C LEU B 78 7.95 10.49 -20.84
N VAL B 79 6.67 10.56 -21.18
CA VAL B 79 6.15 9.92 -22.39
C VAL B 79 6.85 10.45 -23.63
N TYR B 80 7.12 11.75 -23.66
CA TYR B 80 7.68 12.39 -24.84
C TYR B 80 9.20 12.54 -24.77
N GLY B 81 9.82 12.02 -23.73
CA GLY B 81 11.26 11.94 -23.67
C GLY B 81 11.96 13.17 -23.20
N LYS B 82 11.31 14.01 -22.40
CA LYS B 82 11.89 15.25 -21.92
C LYS B 82 12.49 15.14 -20.52
N ALA B 83 12.11 14.11 -19.77
CA ALA B 83 12.70 13.85 -18.47
C ALA B 83 12.94 12.36 -18.33
N ASP B 84 13.82 12.00 -17.39
CA ASP B 84 14.22 10.62 -17.19
C ASP B 84 13.46 9.93 -16.07
N ILE B 85 12.95 10.69 -15.11
CA ILE B 85 12.29 10.12 -13.95
C ILE B 85 11.42 11.21 -13.35
N ALA B 86 10.28 10.81 -12.81
CA ALA B 86 9.41 11.70 -12.06
C ALA B 86 9.39 11.23 -10.61
N ILE B 87 9.72 12.13 -9.68
CA ILE B 87 9.72 11.85 -8.24
C ILE B 87 8.82 12.89 -7.60
N ALA B 88 7.61 12.47 -7.27
CA ALA B 88 6.54 13.39 -6.92
C ALA B 88 5.38 12.63 -6.32
N PRO B 89 4.40 13.31 -5.74
CA PRO B 89 3.15 12.62 -5.30
C PRO B 89 2.27 12.30 -6.50
N LEU B 90 2.72 11.29 -7.27
CA LEU B 90 2.12 10.88 -8.54
C LEU B 90 1.47 9.53 -8.34
N THR B 91 0.14 9.49 -8.40
CA THR B 91 -0.60 8.26 -8.11
C THR B 91 -0.45 7.26 -9.24
N ILE B 92 -0.26 6.00 -8.85
CA ILE B 92 -0.23 4.88 -9.77
C ILE B 92 -1.66 4.58 -10.18
N THR B 93 -1.98 4.86 -11.43
CA THR B 93 -3.29 4.60 -12.00
C THR B 93 -3.16 3.76 -13.26
N LEU B 94 -4.26 3.11 -13.63
CA LEU B 94 -4.29 2.27 -14.82
C LEU B 94 -3.83 3.05 -16.07
N VAL B 95 -4.44 4.20 -16.32
CA VAL B 95 -4.14 4.85 -17.60
C VAL B 95 -2.71 5.35 -17.63
N ARG B 96 -2.13 5.74 -16.48
CA ARG B 96 -0.72 6.10 -16.47
C ARG B 96 0.17 4.87 -16.62
N GLU B 97 -0.17 3.79 -15.95
CA GLU B 97 0.63 2.58 -16.01
C GLU B 97 0.73 2.06 -17.43
N GLU B 98 -0.31 2.30 -18.26
CA GLU B 98 -0.28 1.90 -19.65
C GLU B 98 0.81 2.62 -20.45
N VAL B 99 1.27 3.79 -20.02
CA VAL B 99 2.16 4.58 -20.84
C VAL B 99 3.52 4.85 -20.21
N ILE B 100 3.69 4.71 -18.90
CA ILE B 100 4.98 4.87 -18.23
C ILE B 100 5.17 3.69 -17.29
N ASP B 101 6.39 3.51 -16.81
CA ASP B 101 6.68 2.50 -15.80
C ASP B 101 6.62 3.14 -14.43
N PHE B 102 6.17 2.38 -13.46
CA PHE B 102 6.09 2.83 -12.07
C PHE B 102 6.82 1.86 -11.16
N SER B 103 7.51 2.39 -10.17
CA SER B 103 7.96 1.59 -9.05
C SER B 103 6.76 1.08 -8.25
N LYS B 104 7.02 0.06 -7.44
CA LYS B 104 6.07 -0.19 -6.37
C LYS B 104 5.86 1.08 -5.55
N PRO B 105 4.75 1.20 -4.86
CA PRO B 105 4.44 2.47 -4.20
C PRO B 105 5.39 2.78 -3.06
N PHE B 106 5.76 4.07 -2.97
CA PHE B 106 6.56 4.54 -1.85
C PHE B 106 5.70 5.13 -0.75
N MET B 107 4.41 5.39 -1.01
CA MET B 107 3.53 5.97 -0.01
C MET B 107 2.11 5.57 -0.35
N SER B 108 1.35 5.20 0.67
CA SER B 108 -0.04 4.81 0.53
C SER B 108 -0.94 6.00 0.85
N LEU B 109 -2.11 6.01 0.22
CA LEU B 109 -3.06 7.09 0.50
C LEU B 109 -4.46 6.65 0.08
N GLY B 110 -5.43 7.47 0.46
CA GLY B 110 -6.78 7.30 -0.03
C GLY B 110 -7.54 8.59 0.14
N ILE B 111 -8.64 8.73 -0.61
CA ILE B 111 -9.50 9.89 -0.42
C ILE B 111 -10.05 9.86 0.99
N SER B 112 -10.13 11.03 1.61
CA SER B 112 -10.45 11.13 3.02
C SER B 112 -11.22 12.41 3.28
N ILE B 113 -11.81 12.48 4.47
CA ILE B 113 -12.67 13.59 4.88
C ILE B 113 -11.92 14.48 5.85
N MET B 114 -11.80 15.76 5.51
CA MET B 114 -11.29 16.78 6.40
C MET B 114 -12.47 17.53 7.00
N ILE B 115 -12.53 17.59 8.33
CA ILE B 115 -13.54 18.38 9.02
C ILE B 115 -12.87 19.39 9.93
N LYS B 116 -13.62 20.43 10.26
CA LYS B 116 -13.28 21.25 11.40
C LYS B 116 -13.55 20.45 12.67
N LYS B 117 -12.60 20.48 13.61
CA LYS B 117 -12.78 19.77 14.86
C LYS B 117 -14.13 20.15 15.46
N GLY B 118 -14.87 19.14 15.93
CA GLY B 118 -16.17 19.34 16.53
C GLY B 118 -17.33 19.09 15.60
N THR B 119 -17.05 18.84 14.32
CA THR B 119 -18.09 18.53 13.36
C THR B 119 -18.62 17.11 13.57
N PRO B 120 -19.93 16.89 13.65
CA PRO B 120 -20.48 15.53 13.91
C PRO B 120 -20.58 14.67 12.66
N ILE B 121 -19.42 14.33 12.11
CA ILE B 121 -19.30 13.45 10.95
C ILE B 121 -18.21 12.43 11.27
N GLU B 122 -18.50 11.15 11.04
CA GLU B 122 -17.54 10.08 11.28
C GLU B 122 -17.22 9.22 10.07
N SER B 123 -17.88 9.44 8.93
CA SER B 123 -17.71 8.56 7.78
C SER B 123 -18.30 9.21 6.54
N ALA B 124 -17.95 8.65 5.38
CA ALA B 124 -18.55 9.10 4.14
C ALA B 124 -20.04 8.78 4.12
N GLU B 125 -20.42 7.64 4.68
CA GLU B 125 -21.84 7.33 4.81
C GLU B 125 -22.57 8.44 5.55
N ASP B 126 -21.99 8.92 6.66
CA ASP B 126 -22.59 10.02 7.41
C ASP B 126 -22.81 11.23 6.54
N LEU B 127 -21.78 11.65 5.79
CA LEU B 127 -21.93 12.80 4.90
C LEU B 127 -23.05 12.58 3.91
N SER B 128 -23.10 11.38 3.33
CA SER B 128 -23.99 11.14 2.20
C SER B 128 -25.45 11.23 2.61
N LYS B 129 -25.75 11.01 3.89
CA LYS B 129 -27.11 10.98 4.38
C LYS B 129 -27.64 12.34 4.82
N GLN B 130 -26.89 13.42 4.59
CA GLN B 130 -27.31 14.73 5.10
C GLN B 130 -26.84 15.83 4.15
N THR B 131 -27.33 17.05 4.41
CA THR B 131 -26.92 18.23 3.64
C THR B 131 -26.62 19.45 4.49
N GLU B 132 -26.90 19.42 5.80
CA GLU B 132 -26.61 20.56 6.67
C GLU B 132 -25.12 20.88 6.65
N ILE B 133 -24.28 19.86 6.66
CA ILE B 133 -22.84 20.02 6.50
C ILE B 133 -22.54 19.80 5.03
N ALA B 134 -22.21 20.88 4.32
CA ALA B 134 -21.90 20.78 2.90
C ALA B 134 -20.53 20.13 2.73
N TYR B 135 -20.32 19.51 1.58
CA TYR B 135 -19.04 18.84 1.37
C TYR B 135 -18.71 18.80 -0.10
N GLY B 136 -17.43 18.89 -0.40
CA GLY B 136 -16.98 18.98 -1.78
C GLY B 136 -15.52 18.62 -1.94
N THR B 137 -15.01 18.92 -3.13
CA THR B 137 -13.68 18.51 -3.58
C THR B 137 -13.08 19.66 -4.37
N LEU B 138 -11.81 19.50 -4.75
CA LEU B 138 -11.20 20.34 -5.76
C LEU B 138 -12.02 20.26 -7.05
N ASP B 139 -12.05 21.37 -7.78
N ASP B 139 -12.08 21.37 -7.78
CA ASP B 139 -12.86 21.45 -8.99
CA ASP B 139 -12.89 21.42 -9.00
C ASP B 139 -12.23 20.75 -10.18
C ASP B 139 -12.17 20.85 -10.22
N SER B 140 -11.02 20.20 -10.00
CA SER B 140 -10.31 19.51 -11.06
C SER B 140 -9.60 18.33 -10.40
N GLY B 141 -9.14 17.39 -11.22
CA GLY B 141 -8.24 16.38 -10.74
C GLY B 141 -8.92 15.13 -10.23
N SER B 142 -8.11 14.33 -9.55
CA SER B 142 -8.44 12.92 -9.36
C SER B 142 -9.53 12.68 -8.33
N THR B 143 -9.66 13.52 -7.29
CA THR B 143 -10.69 13.27 -6.29
C THR B 143 -12.07 13.55 -6.87
N LYS B 144 -12.22 14.67 -7.60
CA LYS B 144 -13.47 14.93 -8.31
C LYS B 144 -13.79 13.79 -9.26
N GLU B 145 -12.80 13.35 -10.05
CA GLU B 145 -13.03 12.29 -11.03
C GLU B 145 -13.43 10.99 -10.35
N PHE B 146 -12.88 10.72 -9.16
CA PHE B 146 -13.27 9.52 -8.42
C PHE B 146 -14.77 9.48 -8.19
N PHE B 147 -15.33 10.60 -7.72
CA PHE B 147 -16.77 10.64 -7.48
C PHE B 147 -17.56 10.60 -8.77
N ARG B 148 -17.10 11.32 -9.79
CA ARG B 148 -17.83 11.36 -11.06
C ARG B 148 -17.95 9.97 -11.66
N ARG B 149 -16.92 9.15 -11.54
CA ARG B 149 -16.88 7.84 -12.18
C ARG B 149 -17.35 6.71 -11.30
N SER B 150 -17.52 6.92 -9.99
CA SER B 150 -17.79 5.80 -9.10
C SER B 150 -19.14 5.16 -9.40
N LYS B 151 -19.17 3.83 -9.40
CA LYS B 151 -20.40 3.06 -9.46
C LYS B 151 -20.83 2.54 -8.09
N ILE B 152 -20.12 2.92 -7.03
CA ILE B 152 -20.47 2.53 -5.68
C ILE B 152 -21.59 3.44 -5.18
N ALA B 153 -22.64 2.84 -4.62
CA ALA B 153 -23.85 3.60 -4.34
C ALA B 153 -23.58 4.85 -3.50
N VAL B 154 -22.84 4.71 -2.38
CA VAL B 154 -22.65 5.86 -1.49
CA VAL B 154 -22.65 5.85 -1.48
C VAL B 154 -21.91 6.98 -2.20
N PHE B 155 -20.91 6.65 -3.01
CA PHE B 155 -20.13 7.68 -3.67
C PHE B 155 -20.89 8.29 -4.85
N ASP B 156 -21.71 7.49 -5.54
CA ASP B 156 -22.59 8.03 -6.58
C ASP B 156 -23.59 9.01 -5.98
N LYS B 157 -24.15 8.68 -4.80
CA LYS B 157 -25.02 9.60 -4.08
C LYS B 157 -24.29 10.89 -3.73
N MET B 158 -23.07 10.78 -3.23
CA MET B 158 -22.28 11.96 -2.92
C MET B 158 -22.03 12.81 -4.16
N TRP B 159 -21.74 12.16 -5.30
CA TRP B 159 -21.49 12.91 -6.51
C TRP B 159 -22.74 13.66 -6.96
N THR B 160 -23.88 12.99 -6.92
CA THR B 160 -25.12 13.66 -7.33
C THR B 160 -25.40 14.86 -6.43
N TYR B 161 -25.14 14.70 -5.14
CA TYR B 161 -25.26 15.81 -4.20
C TYR B 161 -24.31 16.93 -4.57
N MET B 162 -23.03 16.60 -4.77
CA MET B 162 -22.06 17.67 -4.97
CA MET B 162 -22.03 17.63 -5.02
C MET B 162 -22.33 18.42 -6.28
N ARG B 163 -22.74 17.72 -7.33
CA ARG B 163 -22.99 18.40 -8.60
C ARG B 163 -24.14 19.37 -8.49
N SER B 164 -25.13 19.10 -7.63
CA SER B 164 -26.35 19.88 -7.56
C SER B 164 -26.40 20.83 -6.37
N ALA B 165 -25.43 20.76 -5.46
CA ALA B 165 -25.47 21.58 -4.25
C ALA B 165 -25.19 23.04 -4.53
N GLU B 166 -25.87 23.91 -3.80
CA GLU B 166 -25.66 25.35 -3.91
C GLU B 166 -25.53 25.97 -2.53
N PRO B 167 -24.59 26.92 -2.36
CA PRO B 167 -23.60 27.35 -3.35
C PRO B 167 -22.62 26.26 -3.67
N SER B 168 -21.86 26.45 -4.73
CA SER B 168 -20.93 25.42 -5.16
C SER B 168 -20.10 24.90 -4.02
N VAL B 169 -19.99 23.57 -3.94
CA VAL B 169 -19.16 22.93 -2.95
C VAL B 169 -17.74 22.68 -3.44
N PHE B 170 -17.42 23.06 -4.68
CA PHE B 170 -16.09 22.85 -5.21
C PHE B 170 -15.21 24.06 -4.93
N VAL B 171 -13.90 23.81 -4.85
CA VAL B 171 -12.89 24.85 -4.61
C VAL B 171 -11.81 24.75 -5.67
N ARG B 172 -11.11 25.86 -5.88
CA ARG B 172 -10.11 25.89 -6.96
C ARG B 172 -8.77 25.34 -6.51
N THR B 173 -8.45 25.45 -5.23
CA THR B 173 -7.14 25.05 -4.72
C THR B 173 -7.29 24.39 -3.36
N THR B 174 -6.25 23.62 -2.99
CA THR B 174 -6.18 23.04 -1.66
C THR B 174 -6.35 24.11 -0.58
N ALA B 175 -5.61 25.21 -0.72
CA ALA B 175 -5.68 26.27 0.29
C ALA B 175 -7.11 26.79 0.45
N GLU B 176 -7.85 26.93 -0.66
CA GLU B 176 -9.23 27.39 -0.58
C GLU B 176 -10.11 26.37 0.13
N GLY B 177 -9.92 25.09 -0.13
CA GLY B 177 -10.68 24.08 0.59
C GLY B 177 -10.43 24.10 2.09
N VAL B 178 -9.15 24.17 2.48
CA VAL B 178 -8.78 24.22 3.89
C VAL B 178 -9.36 25.47 4.54
N ALA B 179 -9.19 26.63 3.88
CA ALA B 179 -9.73 27.86 4.44
C ALA B 179 -11.24 27.75 4.60
N ARG B 180 -11.91 27.11 3.66
CA ARG B 180 -13.36 27.00 3.73
C ARG B 180 -13.79 26.13 4.90
N VAL B 181 -13.08 25.02 5.13
CA VAL B 181 -13.33 24.22 6.33
C VAL B 181 -13.17 25.07 7.57
N ARG B 182 -12.06 25.82 7.63
CA ARG B 182 -11.73 26.57 8.84
C ARG B 182 -12.71 27.70 9.13
N LYS B 183 -13.30 28.30 8.11
CA LYS B 183 -14.15 29.46 8.30
CA LYS B 183 -14.15 29.46 8.29
C LYS B 183 -15.64 29.13 8.34
N SER B 184 -16.01 27.87 8.14
CA SER B 184 -17.41 27.53 7.96
C SER B 184 -18.11 27.02 9.22
N LYS B 185 -17.46 27.10 10.39
CA LYS B 185 -18.11 26.81 11.68
C LYS B 185 -18.69 25.40 11.71
N GLY B 186 -17.99 24.48 11.05
CA GLY B 186 -18.39 23.09 11.03
C GLY B 186 -19.34 22.72 9.92
N LYS B 187 -19.70 23.65 9.04
CA LYS B 187 -20.70 23.36 8.02
C LYS B 187 -20.11 23.09 6.64
N TYR B 188 -18.80 22.85 6.56
CA TYR B 188 -18.16 22.42 5.33
C TYR B 188 -17.13 21.36 5.64
N ALA B 189 -17.16 20.27 4.88
CA ALA B 189 -16.17 19.21 4.93
C ALA B 189 -15.53 19.10 3.55
N TYR B 190 -14.24 18.85 3.56
CA TYR B 190 -13.45 18.85 2.34
C TYR B 190 -12.90 17.45 2.11
N LEU B 191 -13.09 16.93 0.89
CA LEU B 191 -12.64 15.61 0.48
C LEU B 191 -11.33 15.74 -0.28
N LEU B 192 -10.29 15.05 0.20
CA LEU B 192 -8.95 15.20 -0.35
C LEU B 192 -8.10 13.99 0.02
N GLU B 193 -6.91 13.92 -0.57
CA GLU B 193 -5.99 12.82 -0.32
C GLU B 193 -5.63 12.77 1.17
N SER B 194 -5.62 11.56 1.73
CA SER B 194 -5.37 11.40 3.17
C SER B 194 -4.01 11.97 3.58
N THR B 195 -3.01 11.87 2.70
CA THR B 195 -1.68 12.41 2.97
C THR B 195 -1.70 13.92 3.17
N MET B 196 -2.47 14.62 2.35
CA MET B 196 -2.60 16.07 2.54
C MET B 196 -3.45 16.38 3.77
N ASN B 197 -4.52 15.63 3.98
CA ASN B 197 -5.33 15.77 5.19
C ASN B 197 -4.47 15.66 6.45
N GLU B 198 -3.63 14.61 6.53
CA GLU B 198 -2.73 14.44 7.66
C GLU B 198 -1.74 15.59 7.79
N TYR B 199 -1.27 16.12 6.67
CA TYR B 199 -0.34 17.24 6.71
C TYR B 199 -1.00 18.48 7.31
N ILE B 200 -2.19 18.80 6.83
CA ILE B 200 -2.89 19.98 7.30
C ILE B 200 -3.31 19.84 8.77
N GLU B 201 -3.64 18.62 9.20
CA GLU B 201 -3.92 18.36 10.61
C GLU B 201 -2.77 18.76 11.50
N GLN B 202 -1.54 18.84 10.96
CA GLN B 202 -0.35 19.26 11.69
C GLN B 202 0.04 20.70 11.40
N ARG B 203 -0.86 21.50 10.84
CA ARG B 203 -0.61 22.91 10.60
C ARG B 203 -1.41 23.74 11.60
N LYS B 204 -0.80 24.80 12.11
CA LYS B 204 -1.54 25.78 12.92
C LYS B 204 -2.69 26.34 12.13
N PRO B 205 -3.81 26.67 12.81
CA PRO B 205 -4.07 26.63 14.26
C PRO B 205 -4.68 25.33 14.77
N CYS B 206 -4.42 24.21 14.09
CA CYS B 206 -4.75 22.91 14.64
C CYS B 206 -6.25 22.75 14.86
N ASP B 207 -7.04 23.24 13.89
CA ASP B 207 -8.49 23.23 14.01
C ASP B 207 -9.15 22.27 13.03
N THR B 208 -8.39 21.54 12.22
CA THR B 208 -8.90 20.54 11.32
C THR B 208 -8.44 19.15 11.74
N MET B 209 -9.16 18.14 11.26
CA MET B 209 -8.76 16.76 11.49
C MET B 209 -9.28 15.88 10.37
N LYS B 210 -8.60 14.75 10.21
CA LYS B 210 -9.05 13.68 9.33
C LYS B 210 -10.02 12.78 10.10
N VAL B 211 -11.17 12.50 9.52
CA VAL B 211 -12.14 11.64 10.19
C VAL B 211 -12.55 10.49 9.30
N GLY B 212 -12.79 9.34 9.95
CA GLY B 212 -13.33 8.17 9.30
C GLY B 212 -12.25 7.39 8.60
N GLY B 213 -12.66 6.30 7.99
CA GLY B 213 -11.77 5.58 7.12
C GLY B 213 -11.67 6.28 5.79
N ASN B 214 -10.66 5.87 5.03
CA ASN B 214 -10.52 6.39 3.69
C ASN B 214 -11.57 5.75 2.78
N LEU B 215 -11.89 6.47 1.70
CA LEU B 215 -12.91 6.03 0.74
C LEU B 215 -12.34 5.11 -0.33
N ASP B 216 -11.03 5.17 -0.57
CA ASP B 216 -10.37 4.28 -1.51
C ASP B 216 -8.94 4.10 -1.02
N SER B 217 -8.16 3.35 -1.80
CA SER B 217 -6.77 3.08 -1.46
C SER B 217 -5.96 3.00 -2.74
N LYS B 218 -4.84 3.70 -2.74
CA LYS B 218 -3.95 3.77 -3.88
C LYS B 218 -2.57 4.16 -3.37
N GLY B 219 -1.64 4.36 -4.30
CA GLY B 219 -0.26 4.61 -3.91
C GLY B 219 0.41 5.56 -4.87
N TYR B 220 1.38 6.32 -4.35
CA TYR B 220 2.30 7.10 -5.17
C TYR B 220 3.48 6.24 -5.57
N GLY B 221 3.92 6.38 -6.83
CA GLY B 221 5.04 5.63 -7.33
C GLY B 221 6.00 6.53 -8.07
N ILE B 222 7.25 6.08 -8.14
CA ILE B 222 8.27 6.75 -8.94
CA ILE B 222 8.25 6.77 -8.95
C ILE B 222 8.09 6.30 -10.38
N ALA B 223 8.07 7.25 -11.31
CA ALA B 223 7.79 6.94 -12.71
C ALA B 223 8.99 7.15 -13.61
N THR B 224 9.12 6.28 -14.59
CA THR B 224 10.15 6.34 -15.62
C THR B 224 9.52 6.06 -16.97
N PRO B 225 10.17 6.49 -18.04
CA PRO B 225 9.66 6.15 -19.37
C PRO B 225 9.59 4.64 -19.53
N LYS B 226 8.57 4.20 -20.26
CA LYS B 226 8.33 2.78 -20.42
CA LYS B 226 8.32 2.77 -20.42
C LYS B 226 9.54 2.10 -21.04
N GLY B 227 10.01 1.03 -20.41
CA GLY B 227 11.17 0.31 -20.84
C GLY B 227 12.51 0.90 -20.46
N SER B 228 12.54 2.01 -19.71
CA SER B 228 13.80 2.60 -19.32
C SER B 228 14.61 1.66 -18.43
N SER B 229 15.91 1.60 -18.69
CA SER B 229 16.77 0.75 -17.88
C SER B 229 16.80 1.20 -16.43
N LEU B 230 16.52 2.47 -16.17
CA LEU B 230 16.59 2.98 -14.80
C LEU B 230 15.50 2.38 -13.93
N GLY B 231 14.42 1.89 -14.54
CA GLY B 231 13.26 1.48 -13.77
C GLY B 231 13.54 0.38 -12.76
N ASN B 232 14.31 -0.63 -13.17
CA ASN B 232 14.55 -1.75 -12.28
CA ASN B 232 14.57 -1.76 -12.28
C ASN B 232 15.29 -1.31 -11.02
N ALA B 233 16.39 -0.57 -11.18
CA ALA B 233 17.16 -0.14 -10.02
C ALA B 233 16.33 0.75 -9.12
N VAL B 234 15.53 1.63 -9.71
CA VAL B 234 14.71 2.55 -8.92
C VAL B 234 13.69 1.77 -8.10
N ASN B 235 13.06 0.76 -8.70
CA ASN B 235 12.09 -0.05 -7.97
C ASN B 235 12.74 -0.80 -6.82
N LEU B 236 13.90 -1.41 -7.05
CA LEU B 236 14.58 -2.10 -5.96
C LEU B 236 14.94 -1.11 -4.85
N ALA B 237 15.31 0.11 -5.22
CA ALA B 237 15.67 1.10 -4.22
C ALA B 237 14.47 1.48 -3.36
N VAL B 238 13.29 1.66 -3.98
CA VAL B 238 12.08 1.92 -3.21
C VAL B 238 11.82 0.80 -2.22
N LEU B 239 11.88 -0.45 -2.68
CA LEU B 239 11.65 -1.58 -1.77
C LEU B 239 12.67 -1.59 -0.65
N LYS B 240 13.94 -1.32 -0.97
CA LYS B 240 14.98 -1.32 0.08
C LYS B 240 14.75 -0.20 1.08
N LEU B 241 14.44 1.00 0.59
CA LEU B 241 14.20 2.12 1.50
C LEU B 241 13.00 1.85 2.39
N ASN B 242 11.97 1.18 1.86
CA ASN B 242 10.83 0.84 2.69
C ASN B 242 11.26 -0.12 3.78
N GLU B 243 11.94 -1.20 3.38
CA GLU B 243 12.33 -2.24 4.33
CA GLU B 243 12.31 -2.23 4.34
C GLU B 243 13.25 -1.70 5.41
N GLN B 244 14.13 -0.77 5.07
CA GLN B 244 15.04 -0.19 6.04
C GLN B 244 14.37 0.79 6.97
N GLY B 245 13.11 1.11 6.75
CA GLY B 245 12.42 2.08 7.56
C GLY B 245 12.62 3.51 7.15
N LEU B 246 13.28 3.75 6.01
CA LEU B 246 13.62 5.11 5.64
C LEU B 246 12.40 5.86 5.15
N LEU B 247 11.50 5.19 4.41
CA LEU B 247 10.30 5.89 3.96
C LEU B 247 9.45 6.34 5.14
N ASP B 248 9.34 5.47 6.16
CA ASP B 248 8.60 5.85 7.37
C ASP B 248 9.30 7.01 8.07
N LYS B 249 10.64 6.99 8.11
CA LYS B 249 11.36 8.09 8.74
C LYS B 249 11.11 9.41 8.02
N LEU B 250 11.09 9.38 6.69
CA LEU B 250 10.87 10.61 5.92
C LEU B 250 9.46 11.13 6.11
N LYS B 251 8.46 10.25 6.16
CA LYS B 251 7.10 10.72 6.42
C LYS B 251 7.03 11.35 7.80
N ASN B 252 7.60 10.68 8.81
CA ASN B 252 7.58 11.25 10.14
C ASN B 252 8.27 12.61 10.19
N LYS B 253 9.40 12.74 9.48
CA LYS B 253 10.15 13.98 9.45
C LYS B 253 9.28 15.14 8.96
N TRP B 254 8.65 14.97 7.80
CA TRP B 254 8.00 16.09 7.14
C TRP B 254 6.59 16.34 7.64
N TRP B 255 5.93 15.33 8.21
CA TRP B 255 4.57 15.46 8.71
C TRP B 255 4.51 15.73 10.20
N TYR B 256 5.35 15.05 11.00
CA TYR B 256 5.20 15.13 12.44
C TYR B 256 6.34 15.82 13.15
N ASP B 257 7.60 15.49 12.86
CA ASP B 257 8.70 16.20 13.51
C ASP B 257 8.65 17.69 13.17
N LYS B 258 8.25 18.02 11.96
CA LYS B 258 8.08 19.40 11.53
C LYS B 258 6.64 19.86 11.65
N GLY B 259 5.78 19.04 12.27
CA GLY B 259 4.41 19.44 12.52
C GLY B 259 4.31 20.45 13.63
N GLU B 260 3.15 21.08 13.71
CA GLU B 260 2.88 22.16 14.63
C GLU B 260 1.79 21.84 15.65
N CYS B 261 1.20 20.64 15.59
CA CYS B 261 0.03 20.35 16.41
C CYS B 261 0.24 19.23 17.43
N GLY B 262 1.45 18.71 17.55
CA GLY B 262 1.77 17.76 18.61
C GLY B 262 1.10 16.40 18.45
S SO4 C . -5.74 -1.76 0.99
O1 SO4 C . -5.32 -0.71 1.91
O2 SO4 C . -5.64 -3.09 1.58
O3 SO4 C . -4.79 -1.75 -0.13
O4 SO4 C . -7.06 -1.47 0.42
S SO4 D . 14.19 -19.15 6.64
O1 SO4 D . 13.34 -20.14 7.31
O2 SO4 D . 15.26 -18.77 7.57
O3 SO4 D . 14.79 -19.71 5.43
O4 SO4 D . 13.39 -17.98 6.29
S SO4 E . 24.02 -14.19 -4.16
O1 SO4 E . 23.20 -13.48 -3.17
O2 SO4 E . 24.82 -15.20 -3.47
O3 SO4 E . 24.91 -13.25 -4.83
O4 SO4 E . 23.15 -14.83 -5.14
C1 5XP F . 3.56 -14.38 6.69
C2 5XP F . 2.54 -14.06 7.49
O3 5XP F . 2.99 -13.70 8.74
N4 5XP F . 4.43 -13.80 8.74
C5 5XP F . 4.67 -14.20 7.49
C6 5XP F . 1.15 -14.06 7.21
N7 5XP F . 0.25 -13.41 8.01
N8 5XP F . -0.88 -13.63 7.43
N9 5XP F . -0.62 -14.40 6.34
N10 5XP F . 0.68 -14.68 6.15
C11 5XP F . -1.68 -14.85 5.47
C12 5XP F . -5.51 -14.78 7.59
C13 5XP F . -4.69 -15.93 7.69
C14 5XP F . -3.45 -15.99 7.00
C15 5XP F . -3.02 -14.88 6.23
C16 5XP F . -3.82 -13.74 6.16
C17 5XP F . -5.06 -13.68 6.81
O23 5XP F . 5.89 -14.43 7.00
C24 5XP F . 3.69 -14.87 5.26
C25 5XP F . 3.93 -13.70 4.25
C26 5XP F . 4.84 -14.11 3.09
O27 5XP F . 4.52 -13.77 1.94
O28 5XP F . 5.88 -14.73 3.39
N29 5XP F . 2.66 -13.22 3.68
C39 5XP F . -5.20 -17.08 8.55
N1 5XP F . -5.78 -18.16 7.74
H112 5XP F . -1.76 -14.17 4.61
H111 5XP F . -1.44 -15.84 5.08
H12 5XP F . -6.45 -14.72 8.11
H14 5XP F . -2.82 -16.86 7.08
H16 5XP F . -3.51 -12.89 5.56
H17 5XP F . -5.67 -12.80 6.73
H242 5XP F . 2.82 -15.44 4.94
H241 5XP F . 4.52 -15.56 5.19
H25 5XP F . 4.39 -12.87 4.77
H291 5XP F . 2.00 -13.05 4.43
H292 5XP F . 2.83 -12.34 3.22
H1 5XP F . -5.95 -16.72 9.25
H26 5XP F . -4.39 -17.48 9.16
H2 5XP F . -6.10 -18.90 8.34
H4 5XP F . -5.09 -18.52 7.11
C1 GOL G . -10.92 1.82 1.22
O1 GOL G . -9.83 1.10 0.72
C2 GOL G . -11.95 0.84 1.77
O2 GOL G . -11.65 0.58 3.12
C3 GOL G . -13.35 1.41 1.62
O3 GOL G . -14.29 0.38 1.80
H11 GOL G . -11.38 2.42 0.44
H12 GOL G . -10.60 2.49 2.01
HO1 GOL G . -9.19 1.72 0.30
H2 GOL G . -11.89 -0.08 1.19
HO2 GOL G . -11.71 1.42 3.63
H31 GOL G . -13.46 1.85 0.62
H32 GOL G . -13.51 2.20 2.36
HO3 GOL G . -14.86 0.32 1.01
C ACT H . 16.77 3.04 14.87
O ACT H . 15.77 2.88 15.59
OXT ACT H . 17.68 2.18 15.00
CH3 ACT H . 16.88 4.18 13.90
H1 ACT H . 17.84 4.12 13.39
H2 ACT H . 16.83 5.12 14.46
H3 ACT H . 16.07 4.14 13.18
C1 EDO I . -7.83 -22.21 8.90
O1 EDO I . -9.11 -21.56 8.87
C2 EDO I . -7.21 -22.17 7.50
O2 EDO I . -6.55 -20.93 7.27
H11 EDO I . -7.18 -21.70 9.60
H12 EDO I . -7.95 -23.25 9.22
HO1 EDO I . -9.50 -21.59 9.76
H21 EDO I . -7.99 -22.32 6.75
H22 EDO I . -6.50 -23.00 7.40
HO2 EDO I . -6.16 -20.93 6.39
C1 EDO J . 21.34 -15.41 9.61
O1 EDO J . 20.41 -16.50 9.52
C2 EDO J . 21.10 -14.72 10.94
O2 EDO J . 21.51 -13.34 10.95
H11 EDO J . 22.37 -15.78 9.56
H12 EDO J . 21.18 -14.71 8.78
HO1 EDO J . 20.54 -16.97 8.68
H21 EDO J . 21.64 -15.25 11.72
H22 EDO J . 20.04 -14.77 11.18
HO2 EDO J . 21.34 -12.97 11.82
C1 EDO K . 17.14 -19.14 12.68
O1 EDO K . 18.54 -19.00 12.97
C2 EDO K . 16.93 -20.03 11.46
O2 EDO K . 15.79 -20.88 11.68
H11 EDO K . 16.64 -19.57 13.55
H12 EDO K . 16.71 -18.16 12.50
HO1 EDO K . 18.66 -18.43 13.74
H21 EDO K . 16.76 -19.41 10.58
H22 EDO K . 17.82 -20.64 11.28
HO2 EDO K . 15.67 -21.45 10.91
C1 EDO L . -15.06 -3.23 -17.73
O1 EDO L . -14.02 -2.83 -18.63
C2 EDO L . -14.46 -4.11 -16.64
O2 EDO L . -15.48 -4.56 -15.76
H11 EDO L . -15.52 -2.34 -17.28
H12 EDO L . -15.82 -3.79 -18.27
HO1 EDO L . -14.39 -2.28 -19.33
H21 EDO L . -13.96 -4.96 -17.09
H22 EDO L . -13.71 -3.53 -16.08
HO2 EDO L . -15.09 -5.12 -15.07
C1 EDO M . -3.11 -17.97 30.91
O1 EDO M . -3.21 -17.17 29.72
C2 EDO M . -2.86 -17.10 32.12
O2 EDO M . -3.64 -17.59 33.23
H11 EDO M . -2.29 -18.69 30.80
H12 EDO M . -4.04 -18.54 31.04
HO1 EDO M . -3.37 -17.74 28.96
H21 EDO M . -3.14 -16.07 31.90
H22 EDO M . -1.80 -17.12 32.38
HO2 EDO M . -3.48 -17.03 34.01
LI LI N . -7.71 0.42 -3.21
LI LI O . 3.45 1.20 -16.80
S SO4 P . -2.98 12.31 -9.11
O1 SO4 P . -3.80 11.12 -9.37
O2 SO4 P . -3.48 12.97 -7.90
O3 SO4 P . -1.55 11.97 -8.93
O4 SO4 P . -3.17 13.22 -10.23
S SO4 Q . -19.23 19.20 -14.36
O1 SO4 Q . -20.29 19.24 -13.36
O2 SO4 Q . -18.05 19.88 -13.84
O3 SO4 Q . -18.89 17.81 -14.64
O4 SO4 Q . -19.69 19.84 -15.58
S SO4 R . 2.25 24.85 -1.49
O1 SO4 R . 1.84 23.44 -1.49
O2 SO4 R . 1.67 25.53 -0.33
O3 SO4 R . 3.71 24.93 -1.42
O4 SO4 R . 1.80 25.49 -2.72
C1 GOL S . -16.60 26.93 17.14
O1 GOL S . -16.84 27.97 18.08
C2 GOL S . -17.73 26.93 16.14
O2 GOL S . -17.50 27.96 15.21
C3 GOL S . -17.85 25.61 15.38
O3 GOL S . -16.68 25.38 14.65
H11 GOL S . -16.56 25.97 17.66
H12 GOL S . -15.65 27.08 16.64
HO1 GOL S . -16.15 27.95 18.78
H2 GOL S . -18.66 27.12 16.66
HO2 GOL S . -16.68 27.78 14.71
H31 GOL S . -18.70 25.65 14.71
H32 GOL S . -18.01 24.81 16.10
HO3 GOL S . -16.63 24.43 14.39
C ACT T . 22.58 -0.44 1.90
O ACT T . 22.79 -1.51 2.50
OXT ACT T . 22.72 -0.49 0.65
CH3 ACT T . 22.19 0.83 2.61
H1 ACT T . 22.07 1.63 1.88
H2 ACT T . 22.97 1.10 3.32
H3 ACT T . 21.26 0.66 3.15
C ACT U . -22.66 -0.84 -4.25
O ACT U . -22.48 -0.42 -3.08
OXT ACT U . -22.90 0.04 -5.11
CH3 ACT U . -22.63 -2.29 -4.60
H1 ACT U . -22.82 -2.41 -5.67
H2 ACT U . -23.38 -2.82 -4.04
H3 ACT U . -21.64 -2.70 -4.37
C ACT V . 21.13 25.04 3.68
O ACT V . 20.02 24.51 3.44
OXT ACT V . 22.14 24.32 3.51
CH3 ACT V . 21.24 26.46 4.13
H1 ACT V . 22.28 26.72 4.28
H2 ACT V . 20.79 27.12 3.38
H3 ACT V . 20.69 26.58 5.07
C1 EDO W . -3.38 16.31 -14.65
O1 EDO W . -3.23 15.08 -13.92
C2 EDO W . -3.83 17.42 -13.72
O2 EDO W . -2.73 17.89 -12.93
H11 EDO W . -4.12 16.17 -15.44
H12 EDO W . -2.43 16.58 -15.12
HO1 EDO W . -2.95 14.38 -14.52
H21 EDO W . -4.25 18.24 -14.30
H22 EDO W . -4.62 17.04 -13.06
HO2 EDO W . -3.04 18.61 -12.34
C1 EDO X . 5.00 1.37 10.13
O1 EDO X . 5.16 1.55 8.72
C2 EDO X . 4.87 2.73 10.80
O2 EDO X . 4.03 2.59 11.95
H11 EDO X . 5.87 0.84 10.53
H12 EDO X . 4.12 0.76 10.33
HO1 EDO X . 5.24 0.70 8.28
H21 EDO X . 5.85 3.10 11.10
H22 EDO X . 4.43 3.44 10.11
HO2 EDO X . 3.94 3.45 12.39
#